data_1D7R
#
_entry.id   1D7R
#
_cell.length_a   152.650
_cell.length_b   152.650
_cell.length_c   86.220
_cell.angle_alpha   90.00
_cell.angle_beta   90.00
_cell.angle_gamma   120.00
#
_symmetry.space_group_name_H-M   'P 64 2 2'
#
loop_
_entity.id
_entity.type
_entity.pdbx_description
1 polymer 'PROTEIN (2,2-DIALKYLGLYCINE DECARBOXYLASE (PYRUVATE))'
2 non-polymer 'SODIUM ION'
3 non-polymer 'POTASSIUM ION'
4 non-polymer 'N-[3-HYDROXY-2-METHYL-5-PHOSPHONOOXYMETHYL-PYRIDIN-4-Y-LMETHYL]-1-AMINO-CYCLOPROPANECARBOXYLIC ACID'
5 water water
#
_entity_poly.entity_id   1
_entity_poly.type   'polypeptide(L)'
_entity_poly.pdbx_seq_one_letter_code
;MSLNDDATFWRNARQHLVRYGGTFEPMIIERAKGSFVYDADGRAILDFTSGQMSAVLGHCHPEIVSVIGEYAGKLDHLFS
GMLSRPVVDLATRLANITPPGLDRALLLSTGAESNEAAIRMAKLVTGKYEIVGFAQSWHGMTGAAASATYSAGRKGVGPA
AVGSFAIPAPFTYRPRFERNGAYDYLAELDYAFDLIDRQSSGNLAAFIAEPILSSGGIIELPDGYMAALKRKCEARGMLL
ILDEAQTGVGRTGTMFACQRDGVTPDILTLSKTLGAGLPLAAIVTSAAIEERAHELGYLFYTTHVSDPLPAAVGLRVLDV
VQRDGLVARANVMGDRLRRGLLDLMERFDCIGDVRGRGLLLGVEIVKDRRTKEPADGLGAKITRECMNLGLSMNIVQLPG
MGGVFRIAPPLTVSEDEIDLGLSLLGQAIERAL
;
_entity_poly.pdbx_strand_id   A
#
loop_
_chem_comp.id
_chem_comp.type
_chem_comp.name
_chem_comp.formula
5PA non-polymer 'N-[3-HYDROXY-2-METHYL-5-PHOSPHONOOXYMETHYL-PYRIDIN-4-Y-LMETHYL]-1-AMINO-CYCLOPROPANECARBOXYLIC ACID' 'C12 H17 N2 O7 P'
K non-polymer 'POTASSIUM ION' 'K 1'
NA non-polymer 'SODIUM ION' 'Na 1'
#
# COMPACT_ATOMS: atom_id res chain seq x y z
N LEU A 3 23.12 5.44 -24.39
CA LEU A 3 23.43 4.60 -23.24
C LEU A 3 23.14 5.26 -21.88
N ASN A 4 22.83 4.42 -20.93
CA ASN A 4 22.54 4.86 -19.61
C ASN A 4 23.81 5.33 -18.97
N ASP A 5 24.92 5.16 -19.67
CA ASP A 5 26.23 5.49 -19.13
C ASP A 5 26.60 6.97 -19.12
N ASP A 6 25.65 7.82 -19.45
CA ASP A 6 25.89 9.26 -19.46
C ASP A 6 26.64 9.75 -18.24
N ALA A 7 27.91 10.08 -18.46
CA ALA A 7 28.74 10.52 -17.36
C ALA A 7 28.31 11.86 -16.79
N THR A 8 27.72 12.69 -17.63
CA THR A 8 27.26 13.99 -17.19
C THR A 8 26.07 13.81 -16.23
N PHE A 9 25.16 12.96 -16.66
CA PHE A 9 23.99 12.65 -15.89
C PHE A 9 24.39 12.09 -14.54
N TRP A 10 25.21 11.06 -14.58
CA TRP A 10 25.62 10.45 -13.33
C TRP A 10 26.46 11.34 -12.42
N ARG A 11 27.16 12.30 -13.03
CA ARG A 11 27.96 13.22 -12.26
C ARG A 11 27.02 14.10 -11.45
N ASN A 12 25.99 14.57 -12.13
CA ASN A 12 25.01 15.44 -11.51
C ASN A 12 24.18 14.77 -10.43
N ALA A 13 23.80 13.53 -10.66
CA ALA A 13 23.01 12.82 -9.68
C ALA A 13 23.81 12.69 -8.40
N ARG A 14 25.05 12.28 -8.57
CA ARG A 14 25.98 12.07 -7.48
C ARG A 14 26.28 13.36 -6.73
N GLN A 15 26.48 14.41 -7.49
CA GLN A 15 26.80 15.70 -6.92
C GLN A 15 25.62 16.40 -6.22
N HIS A 16 24.44 16.34 -6.81
CA HIS A 16 23.33 17.10 -6.27
C HIS A 16 22.07 16.38 -5.79
N LEU A 17 22.09 15.06 -5.59
CA LEU A 17 20.88 14.40 -5.10
C LEU A 17 21.05 13.93 -3.68
N VAL A 18 20.05 14.19 -2.85
CA VAL A 18 20.06 13.68 -1.48
C VAL A 18 19.69 12.19 -1.61
N ARG A 19 20.44 11.30 -0.97
CA ARG A 19 20.14 9.87 -0.99
C ARG A 19 19.13 9.62 0.10
N TYR A 20 18.05 8.93 -0.23
CA TYR A 20 16.95 8.79 0.71
C TYR A 20 16.54 7.36 1.10
N GLY A 21 17.39 6.40 0.80
CA GLY A 21 17.07 5.03 1.10
C GLY A 21 17.28 4.16 -0.12
N GLY A 22 17.92 3.04 0.09
CA GLY A 22 18.18 2.12 -0.98
C GLY A 22 19.30 2.63 -1.83
N THR A 23 19.28 2.18 -3.08
CA THR A 23 20.27 2.58 -4.07
C THR A 23 19.54 2.95 -5.36
N PHE A 24 20.15 3.80 -6.16
CA PHE A 24 19.53 4.17 -7.42
C PHE A 24 19.86 3.12 -8.49
N GLU A 25 18.86 2.69 -9.25
CA GLU A 25 19.11 1.72 -10.33
C GLU A 25 20.06 2.39 -11.32
N PRO A 26 20.92 1.61 -11.93
CA PRO A 26 21.89 2.16 -12.83
C PRO A 26 21.43 2.26 -14.27
N MET A 27 20.30 2.92 -14.46
CA MET A 27 19.79 3.16 -15.79
C MET A 27 19.13 4.54 -15.80
N ILE A 28 18.86 5.04 -16.98
CA ILE A 28 18.18 6.30 -17.08
C ILE A 28 16.85 5.98 -17.76
N ILE A 29 15.76 6.14 -17.01
CA ILE A 29 14.43 5.87 -17.54
C ILE A 29 13.97 7.07 -18.37
N GLU A 30 13.78 6.82 -19.66
CA GLU A 30 13.41 7.88 -20.57
C GLU A 30 11.93 7.97 -20.86
N ARG A 31 11.28 6.83 -20.93
CA ARG A 31 9.88 6.81 -21.26
C ARG A 31 9.16 5.68 -20.53
N ALA A 32 7.84 5.82 -20.45
CA ALA A 32 6.97 4.82 -19.83
C ALA A 32 5.65 4.74 -20.65
N LYS A 33 5.07 3.55 -20.69
CA LYS A 33 3.84 3.31 -21.44
C LYS A 33 3.34 1.91 -21.09
N GLY A 34 2.10 1.82 -20.60
CA GLY A 34 1.52 0.54 -20.22
C GLY A 34 2.23 -0.10 -19.01
N SER A 35 2.56 -1.37 -19.14
CA SER A 35 3.23 -2.10 -18.08
C SER A 35 4.75 -2.02 -18.22
N PHE A 36 5.23 -1.06 -19.04
CA PHE A 36 6.67 -0.91 -19.32
C PHE A 36 7.28 0.47 -19.13
N VAL A 37 8.55 0.44 -18.74
CA VAL A 37 9.43 1.59 -18.61
C VAL A 37 10.59 1.30 -19.57
N TYR A 38 11.10 2.34 -20.21
CA TYR A 38 12.15 2.17 -21.19
C TYR A 38 13.40 2.89 -20.77
N ASP A 39 14.57 2.25 -20.95
CA ASP A 39 15.83 2.89 -20.58
C ASP A 39 16.42 3.76 -21.70
N ALA A 40 17.56 4.37 -21.40
CA ALA A 40 18.25 5.25 -22.31
C ALA A 40 18.50 4.57 -23.63
N ASP A 41 18.75 3.25 -23.57
CA ASP A 41 19.00 2.48 -24.79
C ASP A 41 17.71 2.04 -25.46
N GLY A 42 16.58 2.26 -24.79
CA GLY A 42 15.30 1.88 -25.36
C GLY A 42 14.83 0.51 -24.89
N ARG A 43 15.64 -0.13 -24.04
CA ARG A 43 15.33 -1.42 -23.44
C ARG A 43 14.05 -1.31 -22.60
N ALA A 44 13.13 -2.25 -22.83
CA ALA A 44 11.85 -2.29 -22.13
C ALA A 44 11.97 -3.10 -20.86
N ILE A 45 11.52 -2.51 -19.77
CA ILE A 45 11.55 -3.15 -18.47
C ILE A 45 10.09 -3.32 -18.04
N LEU A 46 9.69 -4.55 -17.84
CA LEU A 46 8.32 -4.83 -17.46
C LEU A 46 8.14 -4.38 -16.01
N ASP A 47 7.27 -3.39 -15.80
CA ASP A 47 7.04 -2.80 -14.49
C ASP A 47 6.11 -3.63 -13.64
N PHE A 48 6.66 -4.59 -12.93
CA PHE A 48 5.86 -5.49 -12.12
C PHE A 48 5.52 -4.95 -10.73
N THR A 49 5.81 -3.69 -10.48
CA THR A 49 5.47 -3.09 -9.19
C THR A 49 4.61 -1.85 -9.42
N SER A 50 4.24 -1.62 -10.67
CA SER A 50 3.40 -0.47 -11.00
C SER A 50 4.05 0.80 -10.49
N GLY A 51 5.35 0.93 -10.76
CA GLY A 51 6.08 2.09 -10.30
C GLY A 51 6.30 1.88 -8.81
N GLN A 52 5.87 2.84 -8.00
CA GLN A 52 6.00 2.66 -6.56
C GLN A 52 4.63 2.17 -6.09
N MET A 53 4.13 1.17 -6.82
CA MET A 53 2.84 0.55 -6.59
C MET A 53 1.69 1.49 -6.78
N SER A 54 1.81 2.42 -7.73
CA SER A 54 0.76 3.43 -7.98
C SER A 54 0.13 3.39 -9.35
N ALA A 55 0.90 3.02 -10.37
CA ALA A 55 0.44 3.00 -11.77
C ALA A 55 -0.65 1.97 -12.00
N VAL A 56 -1.82 2.22 -11.40
CA VAL A 56 -2.97 1.32 -11.50
C VAL A 56 -3.48 1.13 -12.93
N LEU A 57 -3.46 2.19 -13.72
CA LEU A 57 -3.89 2.05 -15.07
C LEU A 57 -2.66 1.93 -15.97
N GLY A 58 -1.51 1.65 -15.35
CA GLY A 58 -0.26 1.53 -16.09
C GLY A 58 0.26 2.94 -16.40
N HIS A 59 1.42 3.03 -17.06
CA HIS A 59 2.01 4.33 -17.40
C HIS A 59 1.38 5.05 -18.55
N CYS A 60 1.14 6.34 -18.33
CA CYS A 60 0.59 7.24 -19.31
C CYS A 60 -0.67 6.75 -20.01
N HIS A 61 -1.68 6.42 -19.22
CA HIS A 61 -2.97 5.96 -19.74
C HIS A 61 -3.62 7.10 -20.50
N PRO A 62 -3.99 6.79 -21.73
CA PRO A 62 -4.58 7.78 -22.62
C PRO A 62 -5.66 8.65 -21.99
N GLU A 63 -6.49 8.07 -21.13
CA GLU A 63 -7.56 8.84 -20.49
C GLU A 63 -7.04 9.75 -19.41
N ILE A 64 -6.01 9.28 -18.73
CA ILE A 64 -5.38 10.05 -17.71
C ILE A 64 -4.75 11.25 -18.36
N VAL A 65 -4.05 10.99 -19.47
CA VAL A 65 -3.38 12.04 -20.24
C VAL A 65 -4.36 13.11 -20.69
N SER A 66 -5.50 12.67 -21.18
CA SER A 66 -6.51 13.60 -21.64
C SER A 66 -6.98 14.47 -20.47
N VAL A 67 -7.39 13.79 -19.41
CA VAL A 67 -7.88 14.48 -18.23
C VAL A 67 -6.88 15.52 -17.68
N ILE A 68 -5.62 15.10 -17.53
CA ILE A 68 -4.57 15.96 -17.01
C ILE A 68 -4.44 17.20 -17.89
N GLY A 69 -4.28 16.99 -19.19
CA GLY A 69 -4.18 18.12 -20.11
C GLY A 69 -5.45 18.93 -19.94
N GLU A 70 -6.58 18.25 -20.09
CA GLU A 70 -7.93 18.83 -19.96
C GLU A 70 -8.05 19.89 -18.84
N TYR A 71 -7.58 19.56 -17.65
CA TYR A 71 -7.69 20.49 -16.53
C TYR A 71 -6.45 21.36 -16.32
N ALA A 72 -5.31 20.86 -16.81
CA ALA A 72 -4.04 21.58 -16.70
C ALA A 72 -4.23 23.01 -17.22
N GLY A 73 -5.04 23.13 -18.25
CA GLY A 73 -5.30 24.41 -18.87
C GLY A 73 -6.68 24.97 -18.63
N LYS A 74 -7.43 24.42 -17.68
CA LYS A 74 -8.79 24.91 -17.39
C LYS A 74 -9.02 25.35 -15.92
N LEU A 75 -8.66 24.45 -15.00
CA LEU A 75 -8.85 24.63 -13.57
C LEU A 75 -7.69 23.88 -12.93
N ASP A 76 -6.76 24.62 -12.32
CA ASP A 76 -5.58 23.99 -11.78
C ASP A 76 -5.43 23.93 -10.28
N HIS A 77 -5.19 25.07 -9.68
CA HIS A 77 -5.00 25.12 -8.25
C HIS A 77 -5.80 26.26 -7.69
N LEU A 78 -6.34 26.08 -6.50
CA LEU A 78 -7.16 27.12 -5.91
C LEU A 78 -6.92 27.34 -4.44
N PHE A 79 -7.42 28.48 -3.98
CA PHE A 79 -7.38 28.85 -2.61
C PHE A 79 -8.21 27.74 -1.97
N SER A 80 -7.72 27.22 -0.85
CA SER A 80 -8.35 26.07 -0.22
C SER A 80 -9.75 26.23 0.33
N GLY A 81 -10.29 27.43 0.23
CA GLY A 81 -11.62 27.70 0.69
C GLY A 81 -12.54 27.69 -0.50
N MET A 82 -11.99 27.45 -1.67
CA MET A 82 -12.82 27.47 -2.85
C MET A 82 -13.12 26.11 -3.42
N LEU A 83 -14.41 25.83 -3.61
CA LEU A 83 -14.84 24.59 -4.20
C LEU A 83 -14.99 24.68 -5.71
N SER A 84 -14.87 23.52 -6.34
CA SER A 84 -14.96 23.33 -7.76
C SER A 84 -15.62 21.97 -7.96
N ARG A 85 -16.10 21.73 -9.17
CA ARG A 85 -16.79 20.48 -9.52
C ARG A 85 -16.04 19.14 -9.38
N PRO A 86 -14.79 19.07 -9.79
CA PRO A 86 -14.11 17.79 -9.65
C PRO A 86 -13.98 17.36 -8.19
N VAL A 87 -13.80 18.31 -7.28
CA VAL A 87 -13.69 18.00 -5.84
C VAL A 87 -14.99 17.38 -5.30
N VAL A 88 -16.11 18.06 -5.57
CA VAL A 88 -17.41 17.58 -5.15
C VAL A 88 -17.79 16.27 -5.84
N ASP A 89 -17.53 16.15 -7.13
CA ASP A 89 -17.81 14.89 -7.83
C ASP A 89 -16.98 13.71 -7.25
N LEU A 90 -15.69 13.95 -6.98
CA LEU A 90 -14.83 12.92 -6.44
C LEU A 90 -15.31 12.53 -5.04
N ALA A 91 -15.55 13.53 -4.18
CA ALA A 91 -16.07 13.24 -2.83
C ALA A 91 -17.37 12.42 -2.89
N THR A 92 -18.27 12.80 -3.80
CA THR A 92 -19.54 12.10 -4.00
C THR A 92 -19.33 10.66 -4.46
N ARG A 93 -18.46 10.48 -5.44
CA ARG A 93 -18.14 9.14 -5.92
C ARG A 93 -17.61 8.24 -4.82
N LEU A 94 -16.65 8.76 -4.05
CA LEU A 94 -16.06 7.99 -2.96
C LEU A 94 -17.13 7.53 -1.96
N ALA A 95 -18.12 8.37 -1.74
CA ALA A 95 -19.16 8.03 -0.81
C ALA A 95 -19.97 6.92 -1.42
N ASN A 96 -20.21 7.10 -2.70
CA ASN A 96 -21.02 6.18 -3.44
C ASN A 96 -20.43 4.78 -3.62
N ILE A 97 -19.11 4.66 -3.70
CA ILE A 97 -18.54 3.35 -3.93
C ILE A 97 -17.98 2.67 -2.70
N THR A 98 -17.93 3.37 -1.57
CA THR A 98 -17.44 2.76 -0.35
C THR A 98 -18.63 2.19 0.37
N PRO A 99 -18.38 1.28 1.29
CA PRO A 99 -19.46 0.66 2.01
C PRO A 99 -20.25 1.67 2.81
N PRO A 100 -21.45 1.26 3.16
CA PRO A 100 -22.33 2.10 3.94
C PRO A 100 -21.61 2.46 5.22
N GLY A 101 -21.69 3.71 5.61
CA GLY A 101 -21.03 4.12 6.84
C GLY A 101 -19.85 5.03 6.58
N LEU A 102 -19.50 5.19 5.31
CA LEU A 102 -18.41 6.07 4.90
C LEU A 102 -19.12 7.09 4.02
N ASP A 103 -19.19 8.34 4.46
CA ASP A 103 -19.98 9.36 3.76
C ASP A 103 -19.27 10.59 3.23
N ARG A 104 -18.24 11.02 3.95
CA ARG A 104 -17.53 12.25 3.66
C ARG A 104 -16.03 12.10 3.45
N ALA A 105 -15.53 12.80 2.44
CA ALA A 105 -14.13 12.71 2.13
C ALA A 105 -13.37 14.01 2.20
N LEU A 106 -12.05 13.87 2.42
CA LEU A 106 -11.07 14.96 2.45
C LEU A 106 -10.01 14.58 1.42
N LEU A 107 -9.82 15.42 0.41
CA LEU A 107 -8.89 15.08 -0.66
C LEU A 107 -7.56 15.78 -0.47
N LEU A 108 -6.53 14.96 -0.29
CA LEU A 108 -5.19 15.42 -0.02
C LEU A 108 -4.16 15.05 -1.08
N SER A 109 -2.89 15.05 -0.69
CA SER A 109 -1.83 14.78 -1.64
C SER A 109 -1.03 13.51 -1.44
N THR A 110 -0.69 13.16 -0.22
CA THR A 110 0.06 11.93 -0.02
C THR A 110 -0.55 10.91 0.96
N GLY A 111 -0.05 9.68 0.87
CA GLY A 111 -0.46 8.62 1.76
C GLY A 111 -0.21 8.97 3.22
N ALA A 112 1.04 9.36 3.52
CA ALA A 112 1.38 9.72 4.89
C ALA A 112 0.47 10.82 5.40
N GLU A 113 0.19 11.78 4.53
CA GLU A 113 -0.68 12.93 4.83
C GLU A 113 -2.09 12.46 5.13
N SER A 114 -2.57 11.50 4.35
CA SER A 114 -3.88 10.92 4.54
C SER A 114 -3.91 10.23 5.92
N ASN A 115 -2.89 9.47 6.25
CA ASN A 115 -2.89 8.84 7.57
C ASN A 115 -2.81 9.85 8.71
N GLU A 116 -2.06 10.93 8.51
CA GLU A 116 -1.93 11.98 9.52
C GLU A 116 -3.29 12.64 9.75
N ALA A 117 -3.99 12.93 8.64
CA ALA A 117 -5.30 13.58 8.73
C ALA A 117 -6.28 12.72 9.54
N ALA A 118 -6.23 11.40 9.31
CA ALA A 118 -7.07 10.46 10.01
C ALA A 118 -6.66 10.32 11.46
N ILE A 119 -5.37 10.19 11.71
CA ILE A 119 -4.98 10.06 13.09
C ILE A 119 -5.34 11.33 13.86
N ARG A 120 -5.14 12.48 13.25
CA ARG A 120 -5.47 13.72 13.92
C ARG A 120 -6.96 13.78 14.27
N MET A 121 -7.80 13.39 13.30
CA MET A 121 -9.24 13.42 13.48
C MET A 121 -9.69 12.49 14.60
N ALA A 122 -9.05 11.30 14.66
CA ALA A 122 -9.37 10.30 15.68
C ALA A 122 -9.04 10.83 17.05
N LYS A 123 -7.91 11.58 17.12
CA LYS A 123 -7.48 12.17 18.37
C LYS A 123 -8.42 13.26 18.83
N LEU A 124 -8.86 14.08 17.89
CA LEU A 124 -9.76 15.16 18.24
C LEU A 124 -11.09 14.62 18.79
N VAL A 125 -11.67 13.72 18.03
CA VAL A 125 -12.95 13.14 18.33
C VAL A 125 -13.03 12.33 19.62
N THR A 126 -11.97 11.62 19.99
CA THR A 126 -11.95 10.82 21.22
C THR A 126 -11.44 11.61 22.42
N GLY A 127 -10.70 12.68 22.17
CA GLY A 127 -10.14 13.41 23.27
C GLY A 127 -8.97 12.61 23.84
N LYS A 128 -8.53 11.60 23.09
CA LYS A 128 -7.43 10.76 23.52
C LYS A 128 -6.24 10.84 22.55
N TYR A 129 -5.16 10.08 22.79
CA TYR A 129 -3.97 10.20 21.93
C TYR A 129 -3.12 8.99 21.64
N GLU A 130 -3.26 7.92 22.41
CA GLU A 130 -2.44 6.72 22.17
C GLU A 130 -2.91 6.02 20.90
N ILE A 131 -1.96 5.64 20.02
CA ILE A 131 -2.29 5.02 18.73
C ILE A 131 -1.69 3.63 18.67
N VAL A 132 -2.47 2.64 18.23
CA VAL A 132 -2.00 1.27 18.14
C VAL A 132 -1.93 0.84 16.68
N GLY A 133 -0.78 0.25 16.34
CA GLY A 133 -0.47 -0.27 15.00
C GLY A 133 0.16 -1.66 15.07
N PHE A 134 0.51 -2.20 13.90
CA PHE A 134 1.15 -3.51 13.78
C PHE A 134 2.68 -3.33 13.75
N ALA A 135 3.37 -4.27 14.38
CA ALA A 135 4.80 -4.22 14.49
C ALA A 135 5.48 -4.35 13.15
N GLN A 136 4.72 -4.67 12.13
CA GLN A 136 5.31 -4.80 10.80
C GLN A 136 4.70 -3.79 9.84
N SER A 137 4.03 -2.78 10.41
CA SER A 137 3.33 -1.75 9.61
C SER A 137 4.20 -0.75 8.81
N TRP A 138 3.55 -0.07 7.86
CA TRP A 138 4.17 1.00 7.07
C TRP A 138 3.10 2.01 6.71
N HIS A 139 3.17 3.18 7.31
CA HIS A 139 2.18 4.19 7.03
C HIS A 139 2.71 5.48 6.48
N GLY A 140 4.03 5.63 6.41
CA GLY A 140 4.58 6.88 5.90
C GLY A 140 5.78 7.38 6.71
N MET A 141 6.39 8.44 6.21
CA MET A 141 7.58 9.00 6.81
C MET A 141 7.37 10.20 7.67
N THR A 142 6.17 10.77 7.61
CA THR A 142 5.90 11.96 8.41
C THR A 142 5.55 11.63 9.83
N GLY A 143 5.82 12.61 10.69
CA GLY A 143 5.61 12.52 12.13
C GLY A 143 4.67 11.38 12.67
N ALA A 144 3.34 11.65 12.68
CA ALA A 144 2.40 10.67 13.22
C ALA A 144 2.44 9.39 12.45
N ALA A 145 2.44 9.50 11.12
CA ALA A 145 2.47 8.30 10.31
C ALA A 145 3.71 7.47 10.63
N ALA A 146 4.83 8.13 10.89
CA ALA A 146 6.07 7.43 11.22
C ALA A 146 6.04 6.74 12.58
N SER A 147 5.43 7.43 13.54
CA SER A 147 5.32 6.91 14.90
C SER A 147 4.55 5.60 14.95
N ALA A 148 3.68 5.45 13.95
CA ALA A 148 2.84 4.28 13.80
C ALA A 148 3.42 3.25 12.83
N THR A 149 4.64 3.53 12.35
CA THR A 149 5.32 2.62 11.42
C THR A 149 6.40 1.82 12.17
N TYR A 150 6.27 0.50 12.16
CA TYR A 150 7.23 -0.34 12.89
C TYR A 150 8.10 -1.28 12.04
N SER A 151 7.82 -1.34 10.74
CA SER A 151 8.61 -2.19 9.87
C SER A 151 9.99 -1.57 9.65
N ALA A 152 10.13 -0.30 9.98
CA ALA A 152 11.39 0.37 9.80
C ALA A 152 11.34 1.81 10.20
N GLY A 153 12.49 2.46 10.12
CA GLY A 153 12.65 3.87 10.41
C GLY A 153 12.54 4.36 11.86
N ARG A 154 12.40 3.49 12.86
CA ARG A 154 12.27 3.98 14.23
C ARG A 154 13.55 4.35 14.96
N LYS A 155 14.72 4.04 14.41
CA LYS A 155 15.98 4.31 15.10
C LYS A 155 16.76 5.56 14.68
N GLY A 156 17.50 6.12 15.63
CA GLY A 156 18.41 7.25 15.41
C GLY A 156 17.79 8.59 15.08
N VAL A 157 16.47 8.68 15.21
CA VAL A 157 15.80 9.92 14.89
C VAL A 157 14.97 10.51 16.01
N GLY A 158 15.33 10.21 17.25
CA GLY A 158 14.61 10.71 18.42
C GLY A 158 13.38 9.88 18.83
N PRO A 159 12.78 10.26 19.97
CA PRO A 159 11.61 9.57 20.46
C PRO A 159 10.44 9.63 19.50
N ALA A 160 9.62 8.60 19.56
CA ALA A 160 8.43 8.54 18.75
C ALA A 160 7.37 9.39 19.46
N ALA A 161 6.20 9.47 18.84
CA ALA A 161 5.08 10.18 19.39
C ALA A 161 4.72 9.50 20.70
N VAL A 162 4.35 10.29 21.67
CA VAL A 162 3.92 9.82 22.96
C VAL A 162 2.67 8.96 22.71
N GLY A 163 2.56 7.79 23.37
CA GLY A 163 1.38 6.91 23.22
C GLY A 163 1.42 5.95 22.04
N SER A 164 2.63 5.62 21.60
CA SER A 164 2.81 4.73 20.48
C SER A 164 2.98 3.31 20.97
N PHE A 165 2.11 2.41 20.49
CA PHE A 165 2.14 0.98 20.81
C PHE A 165 2.00 0.15 19.54
N ALA A 166 2.54 -1.04 19.55
CA ALA A 166 2.37 -1.94 18.43
C ALA A 166 1.95 -3.26 19.00
N ILE A 167 1.30 -4.07 18.18
CA ILE A 167 0.97 -5.42 18.57
C ILE A 167 1.46 -6.26 17.41
N PRO A 168 1.74 -7.53 17.61
CA PRO A 168 2.18 -8.36 16.50
C PRO A 168 1.06 -8.60 15.48
N ALA A 169 1.41 -8.63 14.20
CA ALA A 169 0.45 -8.87 13.15
C ALA A 169 0.33 -10.39 13.03
N PRO A 170 -0.85 -10.89 12.66
CA PRO A 170 -1.03 -12.33 12.52
C PRO A 170 -0.33 -12.78 11.24
N PHE A 171 0.71 -13.58 11.37
CA PHE A 171 1.49 -14.07 10.21
C PHE A 171 1.41 -15.62 10.21
N THR A 172 0.51 -16.14 9.37
CA THR A 172 0.29 -17.57 9.26
C THR A 172 1.48 -18.40 8.79
N TYR A 173 2.30 -17.85 7.89
CA TYR A 173 3.47 -18.57 7.38
C TYR A 173 4.43 -18.86 8.50
N ARG A 174 4.67 -17.85 9.32
CA ARG A 174 5.58 -17.97 10.46
C ARG A 174 4.83 -17.72 11.76
N PRO A 175 4.11 -18.74 12.19
CA PRO A 175 3.27 -18.71 13.41
C PRO A 175 4.08 -18.63 14.70
N ARG A 176 3.60 -17.88 15.68
CA ARG A 176 4.32 -17.75 16.93
C ARG A 176 3.50 -17.86 18.23
N PHE A 177 2.20 -18.04 18.10
CA PHE A 177 1.32 -18.15 19.27
C PHE A 177 0.45 -19.39 19.16
N GLU A 178 0.60 -20.32 20.09
CA GLU A 178 -0.24 -21.53 19.99
C GLU A 178 -1.14 -21.87 21.15
N ARG A 179 -2.25 -22.52 20.81
CA ARG A 179 -3.27 -22.98 21.76
C ARG A 179 -3.73 -24.32 21.22
N ASN A 180 -3.38 -25.37 21.96
CA ASN A 180 -3.61 -26.76 21.58
C ASN A 180 -3.04 -27.12 20.25
N GLY A 181 -1.72 -27.01 20.15
CA GLY A 181 -1.03 -27.35 18.92
C GLY A 181 -1.37 -26.45 17.74
N ALA A 182 -2.42 -25.66 17.88
CA ALA A 182 -2.81 -24.80 16.80
C ALA A 182 -2.43 -23.32 16.96
N TYR A 183 -2.12 -22.72 15.82
CA TYR A 183 -1.78 -21.32 15.75
C TYR A 183 -3.07 -20.59 15.91
N ASP A 184 -3.30 -20.08 17.11
CA ASP A 184 -4.53 -19.36 17.36
C ASP A 184 -4.27 -17.87 17.21
N TYR A 185 -4.51 -17.31 16.02
CA TYR A 185 -4.26 -15.91 15.84
C TYR A 185 -5.28 -15.00 16.55
N LEU A 186 -6.39 -15.57 16.97
CA LEU A 186 -7.39 -14.78 17.69
C LEU A 186 -6.98 -14.69 19.17
N ALA A 187 -6.47 -15.79 19.71
CA ALA A 187 -6.01 -15.79 21.09
C ALA A 187 -4.81 -14.83 21.20
N GLU A 188 -4.01 -14.78 20.15
CA GLU A 188 -2.82 -13.92 20.10
C GLU A 188 -3.26 -12.48 20.19
N LEU A 189 -4.33 -12.20 19.44
CA LEU A 189 -4.94 -10.89 19.43
C LEU A 189 -5.45 -10.57 20.84
N ASP A 190 -6.05 -11.53 21.51
CA ASP A 190 -6.55 -11.25 22.85
C ASP A 190 -5.39 -10.95 23.75
N TYR A 191 -4.37 -11.79 23.61
CA TYR A 191 -3.18 -11.67 24.42
C TYR A 191 -2.48 -10.32 24.21
N ALA A 192 -2.38 -9.92 22.94
CA ALA A 192 -1.78 -8.63 22.62
C ALA A 192 -2.54 -7.47 23.29
N PHE A 193 -3.88 -7.47 23.20
CA PHE A 193 -4.70 -6.41 23.80
C PHE A 193 -4.65 -6.36 25.31
N ASP A 194 -4.51 -7.50 25.96
CA ASP A 194 -4.39 -7.47 27.41
C ASP A 194 -3.17 -6.65 27.82
N LEU A 195 -2.09 -6.89 27.12
CA LEU A 195 -0.86 -6.19 27.42
C LEU A 195 -1.07 -4.68 27.18
N ILE A 196 -1.71 -4.36 26.07
CA ILE A 196 -1.96 -2.98 25.73
C ILE A 196 -2.72 -2.31 26.88
N ASP A 197 -3.78 -2.98 27.32
CA ASP A 197 -4.62 -2.46 28.37
C ASP A 197 -3.84 -2.10 29.58
N ARG A 198 -2.88 -2.95 29.91
CA ARG A 198 -2.09 -2.69 31.10
C ARG A 198 -1.12 -1.53 30.98
N GLN A 199 -0.69 -1.24 29.77
CA GLN A 199 0.24 -0.16 29.60
C GLN A 199 -0.43 1.19 29.41
N SER A 200 -1.52 1.19 28.65
CA SER A 200 -2.23 2.41 28.33
C SER A 200 -2.42 3.34 29.54
N SER A 201 -2.45 4.64 29.28
CA SER A 201 -2.68 5.63 30.34
C SER A 201 -4.18 5.91 30.40
N GLY A 202 -4.97 5.10 29.70
CA GLY A 202 -6.43 5.30 29.66
C GLY A 202 -6.80 6.26 28.51
N ASN A 203 -5.93 6.34 27.49
CA ASN A 203 -6.11 7.26 26.36
C ASN A 203 -6.02 6.66 24.98
N LEU A 204 -6.54 5.45 24.82
CA LEU A 204 -6.51 4.76 23.55
C LEU A 204 -7.40 5.48 22.57
N ALA A 205 -6.82 5.99 21.45
CA ALA A 205 -7.64 6.71 20.48
C ALA A 205 -7.98 5.92 19.24
N ALA A 206 -7.05 5.15 18.75
CA ALA A 206 -7.31 4.40 17.54
C ALA A 206 -6.25 3.37 17.27
N PHE A 207 -6.68 2.47 16.42
CA PHE A 207 -5.84 1.41 15.86
C PHE A 207 -5.76 1.70 14.39
N ILE A 208 -4.55 1.61 13.86
CA ILE A 208 -4.36 1.86 12.45
C ILE A 208 -3.81 0.58 11.81
N ALA A 209 -4.37 0.20 10.68
CA ALA A 209 -3.97 -1.05 10.05
C ALA A 209 -4.08 -1.06 8.54
N GLU A 210 -3.26 -1.92 7.94
CA GLU A 210 -3.34 -2.21 6.52
C GLU A 210 -4.09 -3.57 6.46
N PRO A 211 -4.98 -3.72 5.49
CA PRO A 211 -5.73 -4.96 5.34
C PRO A 211 -4.72 -6.04 4.98
N ILE A 212 -3.79 -5.67 4.12
CA ILE A 212 -2.67 -6.54 3.73
C ILE A 212 -1.38 -5.71 3.95
N LEU A 213 -0.47 -6.19 4.80
CA LEU A 213 0.77 -5.44 5.09
C LEU A 213 1.72 -5.59 3.95
N SER A 214 1.87 -4.56 3.14
CA SER A 214 2.75 -4.65 1.96
C SER A 214 4.21 -4.58 2.35
N SER A 215 4.62 -3.43 2.83
CA SER A 215 6.00 -3.26 3.24
C SER A 215 6.37 -4.34 4.24
N GLY A 216 5.39 -4.76 5.04
CA GLY A 216 5.54 -5.77 6.07
C GLY A 216 5.89 -7.16 5.58
N GLY A 217 5.60 -7.47 4.32
CA GLY A 217 5.94 -8.79 3.76
C GLY A 217 4.76 -9.47 3.11
N ILE A 218 3.83 -8.68 2.61
CA ILE A 218 2.61 -9.21 2.00
C ILE A 218 1.94 -10.17 2.97
N ILE A 219 1.53 -9.62 4.11
CA ILE A 219 0.89 -10.37 5.14
C ILE A 219 -0.57 -9.99 5.16
N GLU A 220 -1.40 -10.96 4.87
CA GLU A 220 -2.84 -10.82 4.81
C GLU A 220 -3.42 -11.14 6.18
N LEU A 221 -4.32 -10.29 6.68
CA LEU A 221 -4.95 -10.56 7.96
C LEU A 221 -5.90 -11.74 7.71
N PRO A 222 -5.73 -12.81 8.48
CA PRO A 222 -6.52 -14.02 8.27
C PRO A 222 -8.02 -13.92 8.59
N ASP A 223 -8.77 -14.92 8.16
CA ASP A 223 -10.22 -14.94 8.34
C ASP A 223 -10.67 -14.64 9.73
N GLY A 224 -11.62 -13.71 9.83
CA GLY A 224 -12.25 -13.32 11.09
C GLY A 224 -11.43 -12.37 11.95
N TYR A 225 -10.19 -12.09 11.57
CA TYR A 225 -9.33 -11.21 12.35
C TYR A 225 -9.82 -9.78 12.42
N MET A 226 -10.09 -9.20 11.25
CA MET A 226 -10.51 -7.81 11.25
C MET A 226 -11.76 -7.62 12.05
N ALA A 227 -12.65 -8.59 11.97
CA ALA A 227 -13.90 -8.51 12.71
C ALA A 227 -13.59 -8.49 14.17
N ALA A 228 -12.67 -9.36 14.60
CA ALA A 228 -12.24 -9.40 15.99
C ALA A 228 -11.54 -8.09 16.45
N LEU A 229 -10.71 -7.54 15.59
CA LEU A 229 -10.02 -6.30 15.90
C LEU A 229 -11.01 -5.11 16.08
N LYS A 230 -11.95 -5.00 15.17
CA LYS A 230 -12.92 -3.92 15.26
C LYS A 230 -13.66 -4.02 16.60
N ARG A 231 -13.96 -5.25 17.04
CA ARG A 231 -14.66 -5.48 18.30
C ARG A 231 -13.83 -4.99 19.48
N LYS A 232 -12.51 -5.24 19.39
CA LYS A 232 -11.56 -4.82 20.41
C LYS A 232 -11.51 -3.30 20.50
N CYS A 233 -11.63 -2.66 19.34
CA CYS A 233 -11.62 -1.23 19.28
C CYS A 233 -12.93 -0.73 19.83
N GLU A 234 -14.00 -1.36 19.40
CA GLU A 234 -15.32 -0.92 19.83
C GLU A 234 -15.46 -0.94 21.33
N ALA A 235 -14.98 -2.02 21.92
CA ALA A 235 -15.05 -2.20 23.35
C ALA A 235 -14.23 -1.16 24.14
N ARG A 236 -13.25 -0.55 23.50
CA ARG A 236 -12.41 0.40 24.18
C ARG A 236 -12.64 1.86 23.83
N GLY A 237 -13.65 2.15 23.01
CA GLY A 237 -13.93 3.53 22.57
C GLY A 237 -12.93 4.08 21.53
N MET A 238 -12.25 3.16 20.82
CA MET A 238 -11.25 3.48 19.81
C MET A 238 -11.81 3.44 18.40
N LEU A 239 -11.27 4.27 17.53
CA LEU A 239 -11.67 4.25 16.15
C LEU A 239 -10.79 3.24 15.42
N LEU A 240 -11.31 2.66 14.35
CA LEU A 240 -10.51 1.75 13.54
C LEU A 240 -10.14 2.52 12.28
N ILE A 241 -8.85 2.70 12.03
CA ILE A 241 -8.42 3.39 10.80
C ILE A 241 -7.83 2.36 9.85
N LEU A 242 -8.42 2.24 8.65
CA LEU A 242 -7.91 1.28 7.69
C LEU A 242 -7.12 2.02 6.60
N ASP A 243 -5.84 1.65 6.47
CA ASP A 243 -4.95 2.27 5.50
C ASP A 243 -4.92 1.39 4.27
N GLU A 244 -5.66 1.80 3.24
CA GLU A 244 -5.72 1.02 2.00
C GLU A 244 -4.92 1.64 0.87
N ALA A 245 -3.82 2.30 1.22
CA ALA A 245 -2.94 2.91 0.22
C ALA A 245 -2.57 1.90 -0.90
N GLN A 246 -2.33 0.66 -0.53
CA GLN A 246 -1.93 -0.29 -1.54
C GLN A 246 -3.03 -1.22 -1.95
N THR A 247 -3.96 -1.44 -1.03
CA THR A 247 -5.06 -2.35 -1.29
C THR A 247 -6.30 -1.75 -1.95
N GLY A 248 -6.46 -0.43 -1.88
CA GLY A 248 -7.65 0.22 -2.44
C GLY A 248 -7.65 0.34 -3.94
N VAL A 249 -8.84 0.63 -4.46
CA VAL A 249 -9.04 0.80 -5.90
C VAL A 249 -8.84 -0.46 -6.77
N GLY A 250 -9.39 -1.58 -6.30
CA GLY A 250 -9.41 -2.83 -7.03
C GLY A 250 -8.25 -3.81 -6.99
N ARG A 251 -7.09 -3.36 -6.59
CA ARG A 251 -5.93 -4.22 -6.59
C ARG A 251 -6.10 -5.62 -6.02
N THR A 252 -6.87 -5.78 -4.94
CA THR A 252 -7.04 -7.09 -4.32
C THR A 252 -8.22 -7.87 -4.84
N GLY A 253 -8.95 -7.32 -5.78
CA GLY A 253 -10.08 -8.07 -6.29
C GLY A 253 -11.44 -7.56 -5.89
N THR A 254 -11.45 -6.68 -4.92
CA THR A 254 -12.68 -6.00 -4.52
C THR A 254 -12.32 -4.54 -4.63
N MET A 255 -13.29 -3.70 -4.72
CA MET A 255 -12.98 -2.27 -4.86
C MET A 255 -12.08 -1.81 -3.69
N PHE A 256 -12.42 -2.26 -2.48
CA PHE A 256 -11.68 -1.98 -1.25
C PHE A 256 -11.53 -3.25 -0.52
N ALA A 257 -10.37 -3.44 0.07
CA ALA A 257 -10.08 -4.66 0.80
C ALA A 257 -11.05 -4.92 1.94
N CYS A 258 -11.49 -3.86 2.58
CA CYS A 258 -12.43 -4.02 3.69
C CYS A 258 -13.80 -4.62 3.25
N GLN A 259 -14.11 -4.58 1.96
CA GLN A 259 -15.36 -5.14 1.46
C GLN A 259 -15.38 -6.66 1.51
N ARG A 260 -14.21 -7.27 1.31
CA ARG A 260 -14.10 -8.71 1.33
C ARG A 260 -14.44 -9.25 2.71
N ASP A 261 -13.87 -8.64 3.74
CA ASP A 261 -14.13 -9.06 5.11
C ASP A 261 -15.51 -8.61 5.55
N GLY A 262 -16.02 -7.57 4.94
CA GLY A 262 -17.31 -7.07 5.36
C GLY A 262 -17.22 -6.20 6.61
N VAL A 263 -16.02 -5.77 6.97
CA VAL A 263 -15.87 -4.90 8.14
C VAL A 263 -15.57 -3.47 7.66
N THR A 264 -16.41 -2.52 7.99
CA THR A 264 -16.15 -1.17 7.58
C THR A 264 -15.53 -0.35 8.70
N PRO A 265 -14.40 0.22 8.41
CA PRO A 265 -13.67 0.98 9.41
C PRO A 265 -14.36 2.30 9.67
N ASP A 266 -13.88 3.01 10.69
CA ASP A 266 -14.39 4.34 11.06
C ASP A 266 -13.79 5.39 10.12
N ILE A 267 -12.53 5.19 9.75
CA ILE A 267 -11.89 6.09 8.81
C ILE A 267 -11.14 5.23 7.82
N LEU A 268 -11.33 5.52 6.53
CA LEU A 268 -10.67 4.80 5.45
C LEU A 268 -9.67 5.75 4.77
N THR A 269 -8.42 5.32 4.56
CA THR A 269 -7.45 6.20 3.86
C THR A 269 -7.03 5.58 2.55
N LEU A 270 -6.89 6.43 1.53
CA LEU A 270 -6.49 6.00 0.20
C LEU A 270 -5.46 6.96 -0.33
N SER A 271 -4.66 6.51 -1.30
CA SER A 271 -3.64 7.39 -1.85
C SER A 271 -2.95 6.94 -3.14
N LYS A 272 -2.06 5.96 -3.04
CA LYS A 272 -1.26 5.47 -4.16
C LYS A 272 -2.06 5.15 -5.41
N THR A 273 -2.90 4.13 -5.30
CA THR A 273 -3.76 3.68 -6.38
C THR A 273 -4.74 4.78 -6.84
N LEU A 274 -5.29 5.54 -5.90
CA LEU A 274 -6.24 6.60 -6.21
C LEU A 274 -5.73 7.60 -7.22
N GLY A 275 -4.49 8.06 -7.06
CA GLY A 275 -3.95 9.07 -7.96
C GLY A 275 -3.34 8.53 -9.25
N ALA A 276 -3.21 7.21 -9.33
CA ALA A 276 -2.68 6.54 -10.51
C ALA A 276 -1.30 7.07 -10.95
N GLY A 277 -0.43 7.33 -9.97
CA GLY A 277 0.91 7.83 -10.23
C GLY A 277 1.06 9.30 -9.84
N LEU A 278 -0.07 10.01 -9.83
CA LEU A 278 -0.13 11.42 -9.48
C LEU A 278 -0.32 11.57 -7.96
N PRO A 279 0.01 12.72 -7.40
CA PRO A 279 -0.16 12.89 -5.95
C PRO A 279 -1.59 13.33 -5.52
N LEU A 280 -2.38 12.35 -5.15
CA LEU A 280 -3.72 12.58 -4.68
C LEU A 280 -3.92 11.55 -3.60
N ALA A 281 -4.60 11.95 -2.54
CA ALA A 281 -4.89 11.01 -1.47
C ALA A 281 -6.21 11.42 -0.81
N ALA A 282 -6.73 10.54 0.04
CA ALA A 282 -7.97 10.84 0.71
C ALA A 282 -8.24 10.03 1.94
N ILE A 283 -9.13 10.56 2.76
CA ILE A 283 -9.67 9.88 3.91
C ILE A 283 -11.18 10.01 3.72
N VAL A 284 -11.90 8.96 4.11
CA VAL A 284 -13.33 8.96 4.03
C VAL A 284 -13.77 8.54 5.43
N THR A 285 -14.76 9.24 5.97
CA THR A 285 -15.26 8.90 7.28
C THR A 285 -16.79 8.92 7.28
N SER A 286 -17.39 8.62 8.42
CA SER A 286 -18.85 8.65 8.55
C SER A 286 -19.34 10.09 8.80
N ALA A 287 -20.60 10.36 8.45
CA ALA A 287 -21.19 11.69 8.68
C ALA A 287 -21.07 12.12 10.15
N ALA A 288 -21.30 11.16 11.05
CA ALA A 288 -21.25 11.36 12.50
C ALA A 288 -19.89 11.79 13.01
N ILE A 289 -18.86 11.08 12.55
CA ILE A 289 -17.50 11.41 12.96
C ILE A 289 -17.12 12.76 12.40
N GLU A 290 -17.45 13.02 11.14
CA GLU A 290 -17.14 14.33 10.55
C GLU A 290 -17.87 15.43 11.32
N GLU A 291 -19.13 15.17 11.67
CA GLU A 291 -19.92 16.17 12.39
C GLU A 291 -19.25 16.53 13.69
N ARG A 292 -18.85 15.53 14.50
CA ARG A 292 -18.18 15.79 15.77
C ARG A 292 -16.84 16.50 15.59
N ALA A 293 -16.06 16.07 14.60
CA ALA A 293 -14.77 16.71 14.31
C ALA A 293 -15.01 18.20 14.02
N HIS A 294 -16.05 18.46 13.25
CA HIS A 294 -16.39 19.81 12.91
C HIS A 294 -16.75 20.63 14.16
N GLU A 295 -17.70 20.13 14.95
CA GLU A 295 -18.12 20.79 16.18
C GLU A 295 -16.89 21.20 16.94
N LEU A 296 -15.90 20.30 16.92
CA LEU A 296 -14.66 20.44 17.69
C LEU A 296 -13.56 21.26 17.05
N GLY A 297 -13.81 21.77 15.87
CA GLY A 297 -12.82 22.59 15.21
C GLY A 297 -11.74 21.85 14.46
N TYR A 298 -12.05 20.70 13.85
CA TYR A 298 -11.04 19.97 13.08
C TYR A 298 -10.40 20.89 12.03
N LEU A 299 -9.09 20.74 11.92
CA LEU A 299 -8.25 21.52 11.05
C LEU A 299 -7.26 20.61 10.30
N PHE A 300 -7.26 20.71 8.99
CA PHE A 300 -6.31 20.00 8.15
C PHE A 300 -6.30 20.76 6.84
N TYR A 301 -5.82 21.98 6.97
CA TYR A 301 -5.78 22.94 5.91
C TYR A 301 -4.40 22.97 5.26
N THR A 302 -4.33 22.55 4.01
CA THR A 302 -3.05 22.52 3.33
C THR A 302 -3.14 23.26 2.03
N THR A 303 -2.04 23.28 1.30
CA THR A 303 -1.95 23.96 0.02
C THR A 303 -2.78 23.27 -1.03
N HIS A 304 -2.66 21.97 -1.11
CA HIS A 304 -3.34 21.28 -2.18
C HIS A 304 -4.62 20.57 -1.85
N VAL A 305 -5.07 20.72 -0.62
CA VAL A 305 -6.33 20.09 -0.26
C VAL A 305 -7.40 20.68 -1.19
N SER A 306 -8.23 19.82 -1.78
CA SER A 306 -9.31 20.28 -2.67
C SER A 306 -8.87 21.00 -3.95
N ASP A 307 -7.72 20.64 -4.51
CA ASP A 307 -7.28 21.25 -5.78
C ASP A 307 -7.97 20.48 -6.91
N PRO A 308 -8.53 21.19 -7.87
CA PRO A 308 -9.27 20.49 -8.93
C PRO A 308 -8.52 19.47 -9.83
N LEU A 309 -7.30 19.80 -10.25
CA LEU A 309 -6.58 18.91 -11.15
C LEU A 309 -6.42 17.48 -10.67
N PRO A 310 -5.83 17.28 -9.50
CA PRO A 310 -5.63 15.92 -8.99
C PRO A 310 -6.96 15.22 -8.80
N ALA A 311 -7.92 15.97 -8.25
CA ALA A 311 -9.26 15.43 -8.03
C ALA A 311 -9.86 15.01 -9.37
N ALA A 312 -9.70 15.86 -10.38
CA ALA A 312 -10.23 15.49 -11.66
C ALA A 312 -9.54 14.19 -12.11
N VAL A 313 -8.28 14.00 -11.74
CA VAL A 313 -7.57 12.79 -12.13
C VAL A 313 -8.16 11.58 -11.44
N GLY A 314 -8.40 11.74 -10.14
CA GLY A 314 -8.95 10.67 -9.33
C GLY A 314 -10.31 10.21 -9.85
N LEU A 315 -11.13 11.17 -10.24
CA LEU A 315 -12.43 10.90 -10.79
C LEU A 315 -12.34 10.00 -12.04
N ARG A 316 -11.49 10.36 -13.00
CA ARG A 316 -11.34 9.54 -14.21
C ARG A 316 -10.79 8.14 -13.92
N VAL A 317 -9.90 8.03 -12.93
CA VAL A 317 -9.33 6.73 -12.56
C VAL A 317 -10.47 5.75 -12.12
N LEU A 318 -11.33 6.24 -11.25
CA LEU A 318 -12.46 5.46 -10.77
C LEU A 318 -13.38 5.13 -11.95
N ASP A 319 -13.56 6.13 -12.83
CA ASP A 319 -14.37 6.01 -14.03
C ASP A 319 -13.94 4.80 -14.85
N VAL A 320 -12.66 4.69 -15.16
CA VAL A 320 -12.22 3.60 -16.02
C VAL A 320 -12.11 2.27 -15.26
N VAL A 321 -11.82 2.31 -13.96
CA VAL A 321 -11.76 1.05 -13.17
C VAL A 321 -13.13 0.38 -13.21
N GLN A 322 -14.15 1.19 -13.07
CA GLN A 322 -15.50 0.69 -13.09
C GLN A 322 -15.91 0.28 -14.50
N ARG A 323 -15.76 1.18 -15.44
CA ARG A 323 -16.14 0.90 -16.81
C ARG A 323 -15.40 -0.26 -17.46
N ASP A 324 -14.12 -0.44 -17.14
CA ASP A 324 -13.37 -1.54 -17.74
C ASP A 324 -13.33 -2.79 -16.88
N GLY A 325 -14.15 -2.80 -15.84
CA GLY A 325 -14.21 -3.95 -14.96
C GLY A 325 -12.81 -4.39 -14.55
N LEU A 326 -11.98 -3.43 -14.11
CA LEU A 326 -10.62 -3.75 -13.71
C LEU A 326 -10.55 -4.50 -12.39
N VAL A 327 -11.61 -4.38 -11.57
CA VAL A 327 -11.66 -5.11 -10.32
C VAL A 327 -11.75 -6.61 -10.57
N ALA A 328 -12.65 -7.03 -11.46
CA ALA A 328 -12.81 -8.45 -11.78
C ALA A 328 -11.52 -8.93 -12.43
N ARG A 329 -11.04 -8.09 -13.34
CA ARG A 329 -9.81 -8.30 -14.07
C ARG A 329 -8.68 -8.66 -13.10
N ALA A 330 -8.59 -7.90 -12.01
CA ALA A 330 -7.60 -8.14 -10.98
C ALA A 330 -7.69 -9.58 -10.48
N ASN A 331 -8.90 -10.12 -10.43
CA ASN A 331 -9.06 -11.48 -9.94
C ASN A 331 -8.67 -12.50 -10.96
N VAL A 332 -8.95 -12.20 -12.20
CA VAL A 332 -8.62 -13.14 -13.24
C VAL A 332 -7.15 -13.15 -13.61
N MET A 333 -6.56 -11.95 -13.70
CA MET A 333 -5.12 -11.89 -13.96
C MET A 333 -4.35 -12.37 -12.72
N GLY A 334 -4.93 -12.13 -11.55
CA GLY A 334 -4.29 -12.53 -10.31
C GLY A 334 -4.22 -14.01 -10.22
N ASP A 335 -5.30 -14.65 -10.64
CA ASP A 335 -5.33 -16.10 -10.57
C ASP A 335 -4.27 -16.67 -11.53
N ARG A 336 -4.17 -16.08 -12.71
CA ARG A 336 -3.19 -16.49 -13.69
C ARG A 336 -1.79 -16.28 -13.13
N LEU A 337 -1.53 -15.08 -12.62
CA LEU A 337 -0.21 -14.79 -12.06
C LEU A 337 0.03 -15.72 -10.86
N ARG A 338 -0.98 -15.87 -10.01
CA ARG A 338 -0.82 -16.75 -8.83
C ARG A 338 -0.47 -18.23 -9.15
N ARG A 339 -1.18 -18.80 -10.11
CA ARG A 339 -0.93 -20.18 -10.48
C ARG A 339 0.51 -20.36 -11.01
N GLY A 340 0.97 -19.39 -11.80
CA GLY A 340 2.31 -19.41 -12.37
C GLY A 340 3.35 -19.44 -11.27
N LEU A 341 3.15 -18.57 -10.29
CA LEU A 341 4.07 -18.54 -9.17
C LEU A 341 4.09 -19.90 -8.48
N LEU A 342 2.95 -20.55 -8.42
CA LEU A 342 2.90 -21.86 -7.80
C LEU A 342 3.65 -22.89 -8.64
N ASP A 343 3.58 -22.78 -9.94
CA ASP A 343 4.33 -23.73 -10.73
C ASP A 343 5.83 -23.52 -10.46
N LEU A 344 6.24 -22.26 -10.32
CA LEU A 344 7.64 -21.93 -10.05
C LEU A 344 8.05 -22.55 -8.74
N MET A 345 7.14 -22.51 -7.78
CA MET A 345 7.38 -23.06 -6.48
C MET A 345 7.44 -24.59 -6.54
N GLU A 346 6.93 -25.17 -7.63
CA GLU A 346 6.98 -26.62 -7.82
C GLU A 346 8.41 -26.97 -8.27
N ARG A 347 8.95 -26.09 -9.11
CA ARG A 347 10.28 -26.26 -9.63
C ARG A 347 11.45 -25.90 -8.67
N PHE A 348 11.35 -24.76 -7.97
CA PHE A 348 12.41 -24.26 -7.06
C PHE A 348 12.16 -24.38 -5.57
N ASP A 349 13.08 -25.04 -4.87
CA ASP A 349 12.94 -25.21 -3.43
C ASP A 349 13.16 -23.93 -2.67
N CYS A 350 13.61 -22.88 -3.37
CA CYS A 350 13.88 -21.57 -2.75
C CYS A 350 12.62 -20.74 -2.50
N ILE A 351 11.52 -21.15 -3.13
CA ILE A 351 10.22 -20.50 -2.92
C ILE A 351 9.51 -21.21 -1.79
N GLY A 352 9.39 -20.53 -0.65
CA GLY A 352 8.77 -21.13 0.52
C GLY A 352 7.29 -20.84 0.62
N ASP A 353 6.87 -19.70 0.06
CA ASP A 353 5.47 -19.30 0.14
C ASP A 353 5.03 -18.34 -0.97
N VAL A 354 3.78 -18.50 -1.39
CA VAL A 354 3.18 -17.62 -2.38
C VAL A 354 1.91 -17.14 -1.70
N ARG A 355 1.80 -15.84 -1.45
CA ARG A 355 0.64 -15.33 -0.76
C ARG A 355 0.14 -14.02 -1.32
N GLY A 356 -0.93 -13.52 -0.75
CA GLY A 356 -1.49 -12.27 -1.20
C GLY A 356 -2.89 -12.45 -1.77
N ARG A 357 -3.40 -11.41 -2.42
CA ARG A 357 -4.73 -11.46 -2.99
C ARG A 357 -4.83 -10.60 -4.25
N GLY A 358 -5.58 -11.10 -5.22
CA GLY A 358 -5.77 -10.40 -6.47
C GLY A 358 -4.42 -10.10 -7.12
N LEU A 359 -4.15 -8.82 -7.39
CA LEU A 359 -2.89 -8.43 -7.99
C LEU A 359 -1.91 -7.80 -7.00
N LEU A 360 -2.00 -8.27 -5.74
CA LEU A 360 -1.12 -7.87 -4.65
C LEU A 360 -0.59 -9.17 -4.09
N LEU A 361 0.47 -9.64 -4.71
CA LEU A 361 1.03 -10.90 -4.36
C LEU A 361 2.43 -10.79 -3.76
N GLY A 362 2.78 -11.82 -3.00
CA GLY A 362 4.09 -11.88 -2.39
C GLY A 362 4.74 -13.27 -2.56
N VAL A 363 6.05 -13.27 -2.73
CA VAL A 363 6.76 -14.53 -2.82
C VAL A 363 7.89 -14.49 -1.82
N GLU A 364 7.81 -15.33 -0.79
CA GLU A 364 8.84 -15.36 0.23
C GLU A 364 9.98 -16.34 -0.05
N ILE A 365 11.20 -15.81 -0.18
CA ILE A 365 12.38 -16.63 -0.46
C ILE A 365 13.03 -17.18 0.81
N VAL A 366 13.32 -18.49 0.76
CA VAL A 366 13.93 -19.26 1.87
C VAL A 366 15.09 -20.15 1.41
N LYS A 367 15.85 -20.67 2.36
CA LYS A 367 16.98 -21.55 2.02
C LYS A 367 16.58 -23.01 2.16
N ASP A 368 15.99 -23.33 3.32
CA ASP A 368 15.51 -24.65 3.63
C ASP A 368 14.01 -24.55 3.58
N ARG A 369 13.40 -25.10 2.53
CA ARG A 369 11.95 -25.04 2.45
C ARG A 369 11.26 -25.93 3.49
N ARG A 370 11.94 -26.13 4.62
CA ARG A 370 11.43 -26.92 5.73
C ARG A 370 11.81 -26.22 7.02
N THR A 371 12.98 -25.59 6.99
CA THR A 371 13.44 -24.81 8.12
C THR A 371 12.87 -23.43 7.93
N LYS A 372 12.43 -23.17 6.69
CA LYS A 372 11.88 -21.87 6.33
C LYS A 372 12.88 -20.82 6.72
N GLU A 373 14.15 -21.10 6.40
CA GLU A 373 15.24 -20.19 6.70
C GLU A 373 15.40 -19.18 5.58
N PRO A 374 15.43 -17.91 5.96
CA PRO A 374 15.57 -16.83 5.01
C PRO A 374 16.81 -17.01 4.16
N ALA A 375 16.62 -16.82 2.86
CA ALA A 375 17.71 -16.97 1.93
C ALA A 375 18.47 -15.68 1.89
N ASP A 376 19.66 -15.80 2.50
CA ASP A 376 20.66 -14.79 2.67
C ASP A 376 21.30 -14.35 1.34
N GLY A 377 20.86 -13.22 0.80
CA GLY A 377 21.46 -12.75 -0.43
C GLY A 377 20.89 -13.32 -1.71
N LEU A 378 20.22 -14.46 -1.63
CA LEU A 378 19.63 -15.04 -2.84
C LEU A 378 18.61 -14.12 -3.49
N GLY A 379 17.84 -13.44 -2.65
CA GLY A 379 16.82 -12.50 -3.11
C GLY A 379 17.40 -11.41 -3.96
N ALA A 380 18.45 -10.77 -3.45
CA ALA A 380 19.15 -9.68 -4.12
C ALA A 380 19.71 -10.12 -5.45
N LYS A 381 20.19 -11.36 -5.47
CA LYS A 381 20.73 -11.93 -6.68
C LYS A 381 19.60 -12.05 -7.69
N ILE A 382 18.50 -12.67 -7.23
CA ILE A 382 17.31 -12.88 -8.06
C ILE A 382 16.83 -11.54 -8.57
N THR A 383 16.70 -10.62 -7.63
CA THR A 383 16.26 -9.28 -7.95
C THR A 383 17.17 -8.71 -9.03
N ARG A 384 18.48 -8.96 -8.89
CA ARG A 384 19.50 -8.52 -9.84
C ARG A 384 19.33 -9.14 -11.23
N GLU A 385 19.15 -10.45 -11.26
CA GLU A 385 18.99 -11.12 -12.54
C GLU A 385 17.69 -10.74 -13.25
N CYS A 386 16.63 -10.53 -12.48
CA CYS A 386 15.38 -10.11 -13.10
C CYS A 386 15.63 -8.89 -13.98
N MET A 387 16.20 -7.84 -13.36
CA MET A 387 16.48 -6.60 -14.05
C MET A 387 17.33 -6.75 -15.29
N ASN A 388 18.36 -7.57 -15.20
CA ASN A 388 19.20 -7.79 -16.36
C ASN A 388 18.22 -8.28 -17.39
N LEU A 389 17.46 -9.29 -16.97
CA LEU A 389 16.45 -9.92 -17.78
C LEU A 389 15.34 -9.02 -18.27
N GLY A 390 15.22 -7.82 -17.70
CA GLY A 390 14.18 -6.85 -18.11
C GLY A 390 12.88 -6.82 -17.30
N LEU A 391 12.94 -7.27 -16.04
CA LEU A 391 11.80 -7.34 -15.12
C LEU A 391 12.07 -6.55 -13.83
N SER A 392 11.33 -5.47 -13.64
CA SER A 392 11.46 -4.69 -12.43
C SER A 392 10.70 -5.34 -11.27
N MET A 393 11.45 -5.74 -10.25
CA MET A 393 10.88 -6.36 -9.06
C MET A 393 11.27 -5.58 -7.82
N ASN A 394 10.72 -5.98 -6.68
CA ASN A 394 11.03 -5.33 -5.41
C ASN A 394 10.93 -6.29 -4.25
N ILE A 395 12.06 -6.57 -3.60
CA ILE A 395 12.09 -7.48 -2.47
C ILE A 395 12.18 -6.68 -1.18
N VAL A 396 11.57 -7.18 -0.11
CA VAL A 396 11.63 -6.51 1.18
C VAL A 396 12.17 -7.48 2.18
N GLN A 397 13.14 -7.00 2.95
CA GLN A 397 13.79 -7.83 3.95
C GLN A 397 13.57 -7.34 5.36
N LEU A 398 12.82 -8.13 6.11
CA LEU A 398 12.50 -7.80 7.48
C LEU A 398 13.06 -8.83 8.44
N PRO A 399 13.34 -8.38 9.67
CA PRO A 399 13.88 -9.25 10.72
C PRO A 399 13.05 -10.51 10.99
N GLY A 400 13.71 -11.66 10.96
CA GLY A 400 13.06 -12.93 11.24
C GLY A 400 12.32 -13.63 10.09
N MET A 401 12.22 -12.99 8.93
CA MET A 401 11.52 -13.61 7.81
C MET A 401 12.46 -13.74 6.65
N GLY A 402 12.02 -14.41 5.59
CA GLY A 402 12.81 -14.53 4.38
C GLY A 402 12.56 -13.24 3.57
N GLY A 403 13.39 -12.98 2.55
CA GLY A 403 13.19 -11.81 1.70
C GLY A 403 11.89 -11.99 0.92
N VAL A 404 11.11 -10.93 0.81
CA VAL A 404 9.86 -11.08 0.11
C VAL A 404 9.75 -10.22 -1.10
N PHE A 405 9.40 -10.84 -2.22
CA PHE A 405 9.18 -10.12 -3.46
C PHE A 405 7.75 -9.60 -3.40
N ARG A 406 7.57 -8.32 -3.68
CA ARG A 406 6.23 -7.71 -3.70
C ARG A 406 5.85 -7.51 -5.17
N ILE A 407 4.91 -8.28 -5.63
CA ILE A 407 4.51 -8.20 -7.01
C ILE A 407 3.14 -7.49 -7.15
N ALA A 408 3.10 -6.44 -7.95
CA ALA A 408 1.86 -5.70 -8.12
C ALA A 408 1.84 -4.96 -9.45
N PRO A 409 1.52 -5.69 -10.53
CA PRO A 409 1.46 -5.08 -11.84
C PRO A 409 0.15 -4.37 -12.03
N PRO A 410 0.13 -3.48 -12.99
CA PRO A 410 -1.05 -2.71 -13.31
C PRO A 410 -2.25 -3.62 -13.46
N LEU A 411 -3.43 -3.12 -13.15
CA LEU A 411 -4.65 -3.91 -13.27
C LEU A 411 -4.95 -4.08 -14.77
N THR A 412 -4.24 -3.30 -15.59
CA THR A 412 -4.37 -3.32 -17.04
C THR A 412 -3.40 -4.31 -17.66
N VAL A 413 -2.57 -4.93 -16.84
CA VAL A 413 -1.61 -5.89 -17.36
C VAL A 413 -2.28 -6.88 -18.30
N SER A 414 -1.56 -7.27 -19.35
CA SER A 414 -2.06 -8.24 -20.31
C SER A 414 -1.70 -9.67 -19.92
N GLU A 415 -2.35 -10.64 -20.55
CA GLU A 415 -2.09 -12.05 -20.27
C GLU A 415 -0.68 -12.35 -20.71
N ASP A 416 -0.30 -11.79 -21.85
CA ASP A 416 1.05 -12.02 -22.38
C ASP A 416 2.10 -11.41 -21.46
N GLU A 417 1.75 -10.26 -20.86
CA GLU A 417 2.67 -9.58 -19.97
C GLU A 417 2.90 -10.36 -18.71
N ILE A 418 1.86 -11.04 -18.26
CA ILE A 418 1.93 -11.87 -17.06
C ILE A 418 2.79 -13.08 -17.31
N ASP A 419 2.65 -13.61 -18.50
CA ASP A 419 3.41 -14.77 -18.91
C ASP A 419 4.89 -14.39 -18.99
N LEU A 420 5.16 -13.26 -19.62
CA LEU A 420 6.50 -12.72 -19.77
C LEU A 420 7.19 -12.65 -18.41
N GLY A 421 6.53 -12.01 -17.46
CA GLY A 421 7.07 -11.89 -16.12
C GLY A 421 7.40 -13.23 -15.48
N LEU A 422 6.47 -14.19 -15.61
CA LEU A 422 6.70 -15.51 -15.04
C LEU A 422 7.97 -16.13 -15.66
N SER A 423 8.08 -15.99 -16.98
CA SER A 423 9.20 -16.48 -17.78
C SER A 423 10.49 -15.94 -17.21
N LEU A 424 10.62 -14.65 -17.32
CA LEU A 424 11.77 -13.95 -16.84
C LEU A 424 12.07 -14.32 -15.40
N LEU A 425 11.04 -14.46 -14.56
CA LEU A 425 11.29 -14.79 -13.16
C LEU A 425 11.95 -16.16 -12.95
N GLY A 426 11.57 -17.11 -13.77
CA GLY A 426 12.16 -18.44 -13.66
C GLY A 426 13.62 -18.42 -14.11
N GLN A 427 13.88 -17.74 -15.23
CA GLN A 427 15.22 -17.63 -15.76
C GLN A 427 16.09 -16.91 -14.76
N ALA A 428 15.51 -15.91 -14.09
CA ALA A 428 16.25 -15.16 -13.09
C ALA A 428 16.59 -16.08 -11.94
N ILE A 429 15.62 -16.90 -11.52
CA ILE A 429 15.85 -17.83 -10.44
C ILE A 429 16.93 -18.84 -10.77
N GLU A 430 16.70 -19.67 -11.80
CA GLU A 430 17.67 -20.68 -12.20
C GLU A 430 19.06 -20.09 -12.40
N ARG A 431 19.10 -18.82 -12.78
CA ARG A 431 20.33 -18.12 -13.01
C ARG A 431 21.04 -17.64 -11.73
N ALA A 432 20.26 -17.23 -10.73
CA ALA A 432 20.78 -16.72 -9.46
C ALA A 432 21.18 -17.79 -8.44
N LEU A 433 20.78 -19.02 -8.69
CA LEU A 433 21.11 -20.10 -7.80
C LEU A 433 22.48 -20.64 -8.11
NA NA B . -20.47 4.71 1.35
K K C . -6.25 24.15 -2.58
C4 5PA D . 2.83 3.64 1.93
C4A 5PA D . 3.97 3.61 1.01
P 5PA D . 3.48 8.04 0.73
O1P 5PA D . 4.81 7.35 0.55
O2P 5PA D . 2.90 8.54 -0.61
O3P 5PA D . 3.32 9.12 1.72
O4P 5PA D . 2.53 6.90 1.37
C5A 5PA D . 3.05 6.19 2.48
C5 5PA D . 2.36 4.83 2.61
N1 5PA D . 0.64 3.68 3.68
C6 5PA D . 1.30 4.82 3.46
C2 5PA D . 1.00 2.50 3.09
C2A 5PA D . 0.20 1.27 3.45
C3 5PA D . 2.11 2.49 2.19
O3 5PA D . 2.41 1.30 1.61
N 5PA D . 5.11 3.14 1.43
C8 5PA D . 6.29 2.73 0.60
C7 5PA D . 6.54 1.30 0.22
O7 5PA D . 6.06 0.85 -0.90
O8 5PA D . 7.23 0.59 0.96
C9 5PA D . 6.60 3.87 -0.39
C10 5PA D . 7.59 3.56 0.64
#